data_1SHK
#
_entry.id   1SHK
#
_cell.length_a   108.500
_cell.length_b   108.500
_cell.length_c   92.800
_cell.angle_alpha   90.00
_cell.angle_beta   90.00
_cell.angle_gamma   90.00
#
_symmetry.space_group_name_H-M   'P 41 21 2'
#
loop_
_entity.id
_entity.type
_entity.pdbx_description
1 polymer 'SHIKIMATE KINASE'
2 non-polymer 'MAGNESIUM ION'
3 water water
#
_entity_poly.entity_id   1
_entity_poly.type   'polypeptide(L)'
_entity_poly.pdbx_seq_one_letter_code
;MTEPIFMVGARGCGKTTVGRELARALGYEFVDTDIFMQHTSGMTVADVVAAEGWPGFRRRESEALQAVATPNRVVATGGG
MVLLEQNRQFMRAHGTVVYLFAPAEELALRLQASPQAHQRPTLTGRPIAEEMEAVLREREALYQDVAHYVVDATQPPAAI
VCELMQTMRLPAA
;
_entity_poly.pdbx_strand_id   A,B
#
# COMPACT_ATOMS: atom_id res chain seq x y z
N MET A 1 17.22 -1.92 8.46
CA MET A 1 17.72 -0.65 9.07
C MET A 1 16.94 0.51 8.52
N THR A 2 17.11 1.72 9.04
CA THR A 2 16.33 2.85 8.61
C THR A 2 17.07 3.93 7.85
N GLU A 3 18.15 3.61 7.14
CA GLU A 3 18.83 4.62 6.34
C GLU A 3 17.84 5.10 5.24
N PRO A 4 17.99 6.33 4.79
CA PRO A 4 17.12 6.87 3.75
C PRO A 4 17.26 6.02 2.47
N ILE A 5 16.10 5.90 1.81
CA ILE A 5 16.06 5.18 0.56
C ILE A 5 15.83 6.19 -0.56
N PHE A 6 16.76 6.31 -1.48
CA PHE A 6 16.70 7.20 -2.63
C PHE A 6 16.16 6.44 -3.83
N MET A 7 15.11 7.01 -4.46
CA MET A 7 14.56 6.42 -5.68
C MET A 7 15.11 7.24 -6.87
N VAL A 8 15.78 6.57 -7.79
CA VAL A 8 16.33 7.20 -8.95
C VAL A 8 15.81 6.54 -10.22
N GLY A 9 15.95 7.32 -11.29
CA GLY A 9 15.45 6.86 -12.58
C GLY A 9 14.99 8.05 -13.43
N ALA A 10 14.68 7.75 -14.69
CA ALA A 10 14.29 8.79 -15.63
C ALA A 10 12.82 9.18 -15.49
N ARG A 11 12.49 10.34 -16.05
CA ARG A 11 11.10 10.80 -16.04
C ARG A 11 10.23 9.73 -16.70
N GLY A 12 9.10 9.42 -16.05
CA GLY A 12 8.26 8.34 -16.46
C GLY A 12 8.50 7.01 -15.79
N CYS A 13 9.51 6.84 -14.91
CA CYS A 13 9.74 5.53 -14.33
C CYS A 13 8.86 5.28 -13.08
N GLY A 14 8.09 6.24 -12.63
CA GLY A 14 7.16 6.07 -11.51
C GLY A 14 7.77 6.35 -10.16
N LYS A 15 8.85 7.11 -10.06
CA LYS A 15 9.53 7.44 -8.83
C LYS A 15 8.66 7.96 -7.71
N THR A 16 7.88 9.01 -7.95
CA THR A 16 7.03 9.60 -6.95
C THR A 16 5.99 8.60 -6.43
N THR A 17 5.32 7.89 -7.34
CA THR A 17 4.32 6.94 -7.00
C THR A 17 4.88 5.75 -6.27
N VAL A 18 5.96 5.18 -6.75
CA VAL A 18 6.55 4.01 -6.10
C VAL A 18 7.14 4.48 -4.75
N GLY A 19 7.83 5.61 -4.79
CA GLY A 19 8.39 6.19 -3.57
C GLY A 19 7.33 6.29 -2.46
N ARG A 20 6.22 6.93 -2.76
CA ARG A 20 5.11 7.14 -1.86
C ARG A 20 4.55 5.83 -1.34
N GLU A 21 4.31 4.87 -2.20
CA GLU A 21 3.77 3.59 -1.74
C GLU A 21 4.75 2.80 -0.92
N LEU A 22 6.06 2.90 -1.25
CA LEU A 22 7.07 2.19 -0.49
C LEU A 22 7.12 2.76 0.93
N ALA A 23 7.12 4.08 1.01
CA ALA A 23 7.17 4.82 2.25
C ALA A 23 5.98 4.39 3.13
N ARG A 24 4.82 4.29 2.50
CA ARG A 24 3.63 3.91 3.27
C ARG A 24 3.81 2.50 3.81
N ALA A 25 4.28 1.54 3.02
CA ALA A 25 4.46 0.18 3.40
C ALA A 25 5.44 0.00 4.54
N LEU A 26 6.52 0.80 4.48
CA LEU A 26 7.55 0.74 5.51
C LEU A 26 7.24 1.61 6.73
N GLY A 27 6.24 2.45 6.67
CA GLY A 27 5.95 3.43 7.69
C GLY A 27 6.94 4.60 7.68
N TYR A 28 7.56 4.89 6.54
CA TYR A 28 8.55 5.97 6.47
C TYR A 28 7.92 7.26 5.99
N GLU A 29 8.62 8.36 6.15
CA GLU A 29 8.23 9.64 5.58
C GLU A 29 8.52 9.52 4.05
N PHE A 30 8.00 10.48 3.32
CA PHE A 30 8.18 10.50 1.87
C PHE A 30 8.33 11.94 1.43
N VAL A 31 9.33 12.22 0.62
CA VAL A 31 9.63 13.53 0.09
C VAL A 31 10.11 13.30 -1.36
N ASP A 32 9.74 14.20 -2.23
CA ASP A 32 10.15 14.21 -3.65
C ASP A 32 10.92 15.50 -3.80
N THR A 33 12.20 15.46 -4.19
CA THR A 33 13.05 16.63 -4.27
C THR A 33 12.50 17.70 -5.21
N ASP A 34 11.91 17.27 -6.29
CA ASP A 34 11.34 18.23 -7.24
C ASP A 34 10.16 18.99 -6.60
N ILE A 35 9.28 18.22 -5.97
CA ILE A 35 8.09 18.84 -5.33
C ILE A 35 8.50 19.72 -4.18
N PHE A 36 9.51 19.33 -3.43
CA PHE A 36 10.06 20.10 -2.32
C PHE A 36 10.58 21.44 -2.85
N MET A 37 11.34 21.40 -3.96
CA MET A 37 11.85 22.65 -4.52
C MET A 37 10.71 23.60 -4.90
N GLN A 38 9.72 23.08 -5.61
CA GLN A 38 8.59 23.89 -6.05
C GLN A 38 7.85 24.60 -4.90
N HIS A 39 7.58 23.89 -3.84
CA HIS A 39 6.73 24.39 -2.78
C HIS A 39 7.49 25.07 -1.68
N THR A 40 8.81 25.09 -1.71
CA THR A 40 9.62 25.83 -0.76
C THR A 40 10.10 27.13 -1.46
N SER A 41 10.47 27.07 -2.72
CA SER A 41 10.93 28.22 -3.46
C SER A 41 9.79 28.96 -4.18
N GLY A 42 8.73 28.28 -4.52
CA GLY A 42 7.62 28.82 -5.30
C GLY A 42 7.89 28.84 -6.78
N MET A 43 9.06 28.33 -7.22
CA MET A 43 9.48 28.39 -8.58
C MET A 43 9.53 27.04 -9.28
N THR A 44 9.06 27.01 -10.52
CA THR A 44 9.15 25.78 -11.29
C THR A 44 10.60 25.63 -11.82
N VAL A 45 10.86 24.48 -12.41
CA VAL A 45 12.20 24.20 -12.94
C VAL A 45 12.44 25.16 -14.11
N ALA A 46 11.40 25.45 -14.92
CA ALA A 46 11.55 26.48 -15.95
C ALA A 46 11.85 27.84 -15.35
N ASP A 47 11.20 28.24 -14.25
CA ASP A 47 11.52 29.50 -13.63
C ASP A 47 12.99 29.55 -13.21
N VAL A 48 13.45 28.49 -12.54
CA VAL A 48 14.80 28.46 -12.02
C VAL A 48 15.80 28.52 -13.19
N VAL A 49 15.57 27.75 -14.23
CA VAL A 49 16.41 27.70 -15.39
C VAL A 49 16.43 29.06 -16.11
N ALA A 50 15.27 29.70 -16.27
CA ALA A 50 15.19 31.01 -16.89
C ALA A 50 15.97 32.03 -16.08
N ALA A 51 15.99 31.96 -14.77
CA ALA A 51 16.75 32.91 -14.00
C ALA A 51 18.23 32.63 -13.73
N GLU A 52 18.62 31.36 -13.64
CA GLU A 52 19.94 30.98 -13.16
C GLU A 52 20.55 29.86 -13.98
N GLY A 53 19.82 29.42 -14.99
CA GLY A 53 20.25 28.33 -15.85
C GLY A 53 20.19 26.95 -15.22
N TRP A 54 20.47 25.93 -16.02
CA TRP A 54 20.62 24.53 -15.62
C TRP A 54 21.63 24.35 -14.53
N PRO A 55 22.75 25.05 -14.55
CA PRO A 55 23.71 25.04 -13.46
C PRO A 55 23.10 25.54 -12.16
N GLY A 56 22.27 26.57 -12.21
CA GLY A 56 21.63 27.06 -10.96
C GLY A 56 20.62 26.02 -10.46
N PHE A 57 19.84 25.43 -11.34
CA PHE A 57 18.88 24.40 -10.93
C PHE A 57 19.59 23.20 -10.28
N ARG A 58 20.69 22.77 -10.91
CA ARG A 58 21.45 21.64 -10.39
C ARG A 58 22.02 21.90 -9.02
N ARG A 59 22.39 23.13 -8.67
CA ARG A 59 22.90 23.50 -7.37
C ARG A 59 21.72 23.42 -6.37
N ARG A 60 20.59 24.01 -6.80
CA ARG A 60 19.44 23.97 -5.89
C ARG A 60 19.06 22.52 -5.61
N GLU A 61 19.05 21.68 -6.63
CA GLU A 61 18.72 20.28 -6.56
C GLU A 61 19.68 19.51 -5.64
N SER A 62 20.99 19.81 -5.76
CA SER A 62 21.92 19.25 -4.80
C SER A 62 21.57 19.66 -3.38
N GLU A 63 21.25 20.93 -3.21
CA GLU A 63 20.95 21.42 -1.85
C GLU A 63 19.68 20.79 -1.28
N ALA A 64 18.72 20.59 -2.16
CA ALA A 64 17.46 19.96 -1.78
C ALA A 64 17.72 18.53 -1.30
N LEU A 65 18.53 17.82 -2.05
CA LEU A 65 18.91 16.47 -1.68
C LEU A 65 19.42 16.38 -0.26
N GLN A 66 20.39 17.24 0.05
CA GLN A 66 20.99 17.32 1.36
C GLN A 66 20.01 17.76 2.41
N ALA A 67 19.10 18.68 2.09
CA ALA A 67 18.14 19.19 3.06
C ALA A 67 17.14 18.13 3.45
N VAL A 68 16.71 17.28 2.51
CA VAL A 68 15.63 16.33 2.81
C VAL A 68 16.08 14.91 3.17
N ALA A 69 17.32 14.56 2.96
CA ALA A 69 17.81 13.24 3.33
C ALA A 69 17.78 13.09 4.84
N THR A 70 17.14 12.07 5.35
CA THR A 70 17.13 11.77 6.76
C THR A 70 16.65 10.34 6.89
N PRO A 71 16.95 9.68 7.99
CA PRO A 71 16.55 8.31 8.20
C PRO A 71 15.06 8.14 8.19
N ASN A 72 14.56 6.93 7.98
CA ASN A 72 13.14 6.62 8.00
C ASN A 72 12.38 7.46 7.00
N ARG A 73 12.98 7.66 5.83
CA ARG A 73 12.34 8.49 4.80
C ARG A 73 12.74 7.94 3.42
N VAL A 74 11.78 7.92 2.53
CA VAL A 74 12.02 7.56 1.15
C VAL A 74 12.07 8.92 0.44
N VAL A 75 13.09 9.07 -0.40
CA VAL A 75 13.28 10.29 -1.16
C VAL A 75 13.23 10.05 -2.65
N ALA A 76 12.20 10.53 -3.32
CA ALA A 76 12.11 10.43 -4.77
C ALA A 76 12.90 11.61 -5.34
N THR A 77 13.73 11.35 -6.36
CA THR A 77 14.67 12.29 -6.91
C THR A 77 14.32 12.57 -8.36
N GLY A 78 14.64 13.74 -8.86
CA GLY A 78 14.34 14.07 -10.27
C GLY A 78 15.31 13.29 -11.19
N GLY A 79 14.93 13.19 -12.46
CA GLY A 79 15.65 12.46 -13.47
C GLY A 79 17.13 12.79 -13.57
N GLY A 80 17.51 14.04 -13.32
CA GLY A 80 18.86 14.49 -13.45
C GLY A 80 19.69 14.59 -12.22
N MET A 81 19.09 14.04 -11.12
CA MET A 81 19.79 14.07 -9.85
C MET A 81 21.10 13.27 -9.97
N VAL A 82 21.13 12.25 -10.82
CA VAL A 82 22.32 11.42 -10.93
C VAL A 82 23.44 12.01 -11.77
N LEU A 83 23.18 13.14 -12.39
CA LEU A 83 24.19 13.78 -13.24
C LEU A 83 25.42 14.22 -12.47
N LEU A 84 25.32 14.82 -11.30
CA LEU A 84 26.47 15.28 -10.55
C LEU A 84 27.03 14.16 -9.68
N GLU A 85 28.35 14.02 -9.74
CA GLU A 85 28.97 12.97 -8.96
C GLU A 85 28.72 13.15 -7.49
N GLN A 86 28.80 14.36 -6.95
CA GLN A 86 28.61 14.56 -5.52
C GLN A 86 27.21 14.09 -5.09
N ASN A 87 26.25 14.16 -6.03
CA ASN A 87 24.90 13.67 -5.67
C ASN A 87 24.94 12.15 -5.59
N ARG A 88 25.65 11.50 -6.52
CA ARG A 88 25.72 10.04 -6.50
C ARG A 88 26.40 9.54 -5.25
N GLN A 89 27.45 10.21 -4.79
CA GLN A 89 28.18 9.81 -3.62
C GLN A 89 27.32 10.02 -2.37
N PHE A 90 26.64 11.18 -2.38
CA PHE A 90 25.81 11.56 -1.24
C PHE A 90 24.77 10.47 -1.02
N MET A 91 24.08 10.05 -2.09
CA MET A 91 23.04 9.04 -1.93
C MET A 91 23.60 7.70 -1.47
N ARG A 92 24.69 7.22 -2.04
CA ARG A 92 25.17 5.88 -1.59
C ARG A 92 25.74 5.90 -0.15
N ALA A 93 26.29 7.08 0.17
CA ALA A 93 26.75 7.26 1.55
C ALA A 93 25.56 7.25 2.52
N HIS A 94 24.71 8.28 2.37
CA HIS A 94 23.65 8.48 3.33
C HIS A 94 22.65 7.37 3.44
N GLY A 95 22.44 6.67 2.31
CA GLY A 95 21.45 5.62 2.39
C GLY A 95 21.65 4.53 1.35
N THR A 96 20.51 4.09 0.86
CA THR A 96 20.46 2.98 -0.12
C THR A 96 19.63 3.41 -1.33
N VAL A 97 20.20 3.11 -2.51
CA VAL A 97 19.63 3.61 -3.74
C VAL A 97 18.96 2.55 -4.59
N VAL A 98 17.78 2.89 -5.12
CA VAL A 98 17.00 1.99 -5.93
C VAL A 98 16.76 2.71 -7.28
N TYR A 99 17.12 2.01 -8.34
CA TYR A 99 16.89 2.48 -9.68
C TYR A 99 15.63 1.83 -10.26
N LEU A 100 14.66 2.66 -10.65
CA LEU A 100 13.45 2.05 -11.26
C LEU A 100 13.69 2.04 -12.79
N PHE A 101 14.04 0.89 -13.30
CA PHE A 101 14.46 0.76 -14.68
C PHE A 101 13.27 0.45 -15.61
N ALA A 102 13.24 1.17 -16.73
CA ALA A 102 12.32 0.84 -17.81
C ALA A 102 12.98 1.24 -19.14
N PRO A 103 12.79 0.41 -20.16
CA PRO A 103 13.26 0.80 -21.50
C PRO A 103 12.52 2.05 -21.93
N ALA A 104 13.22 2.81 -22.76
CA ALA A 104 12.76 4.08 -23.29
C ALA A 104 11.37 4.00 -23.89
N GLU A 105 11.05 2.94 -24.61
CA GLU A 105 9.74 2.68 -25.20
C GLU A 105 8.70 2.83 -24.10
N GLU A 106 8.87 2.03 -23.03
CA GLU A 106 7.89 2.11 -21.95
C GLU A 106 7.94 3.47 -21.26
N LEU A 107 9.11 4.07 -21.02
CA LEU A 107 9.12 5.38 -20.39
C LEU A 107 8.26 6.36 -21.22
N ALA A 108 8.51 6.39 -22.52
CA ALA A 108 7.79 7.24 -23.45
C ALA A 108 6.29 6.97 -23.40
N LEU A 109 5.91 5.69 -23.44
CA LEU A 109 4.52 5.30 -23.28
C LEU A 109 3.85 5.99 -22.10
N ARG A 110 4.42 5.95 -20.90
CA ARG A 110 3.85 6.58 -19.72
C ARG A 110 3.75 8.09 -19.87
N LEU A 111 2.52 8.57 -20.02
CA LEU A 111 2.12 9.95 -20.23
C LEU A 111 0.80 10.32 -19.55
N GLN A 112 0.83 10.40 -18.21
CA GLN A 112 -0.38 10.76 -17.46
C GLN A 112 -0.56 12.27 -17.48
N ILE A 128 9.23 11.98 -28.04
CA ILE A 128 9.25 11.55 -26.65
C ILE A 128 9.87 10.15 -26.54
N ALA A 129 9.63 9.31 -27.54
CA ALA A 129 10.20 7.96 -27.52
C ALA A 129 11.72 8.04 -27.74
N GLU A 130 12.13 8.91 -28.65
CA GLU A 130 13.52 9.12 -29.00
C GLU A 130 14.19 10.10 -28.03
N GLU A 131 13.40 10.92 -27.34
CA GLU A 131 13.98 11.84 -26.36
C GLU A 131 14.30 11.04 -25.08
N MET A 132 13.51 10.02 -24.78
CA MET A 132 13.78 9.15 -23.63
C MET A 132 14.89 8.18 -24.00
N GLU A 133 15.01 7.79 -25.26
CA GLU A 133 16.12 6.98 -25.75
C GLU A 133 17.47 7.68 -25.53
N ALA A 134 17.46 8.98 -25.80
CA ALA A 134 18.62 9.83 -25.65
C ALA A 134 18.89 10.14 -24.18
N VAL A 135 17.82 10.21 -23.38
CA VAL A 135 18.01 10.42 -21.93
C VAL A 135 18.76 9.19 -21.39
N LEU A 136 18.33 8.00 -21.79
CA LEU A 136 18.94 6.77 -21.34
C LEU A 136 20.34 6.59 -21.86
N ARG A 137 20.63 7.06 -23.08
CA ARG A 137 22.01 6.98 -23.55
C ARG A 137 22.86 7.86 -22.67
N GLU A 138 22.39 9.00 -22.21
CA GLU A 138 23.18 9.84 -21.34
C GLU A 138 23.27 9.30 -19.91
N ARG A 139 22.16 8.75 -19.41
CA ARG A 139 22.02 8.50 -17.98
C ARG A 139 21.89 7.08 -17.51
N GLU A 140 21.58 6.11 -18.36
CA GLU A 140 21.45 4.73 -17.94
C GLU A 140 22.63 4.27 -17.10
N ALA A 141 23.86 4.53 -17.53
CA ALA A 141 25.05 4.06 -16.83
C ALA A 141 25.15 4.77 -15.47
N LEU A 142 24.70 6.02 -15.41
CA LEU A 142 24.71 6.75 -14.14
C LEU A 142 23.67 6.17 -13.14
N TYR A 143 22.50 5.82 -13.66
CA TYR A 143 21.50 5.19 -12.78
C TYR A 143 22.04 3.89 -12.22
N GLN A 144 22.65 3.06 -13.09
CA GLN A 144 23.24 1.81 -12.66
C GLN A 144 24.42 2.06 -11.72
N ASP A 145 25.29 3.01 -11.98
CA ASP A 145 26.41 3.34 -11.11
C ASP A 145 25.95 3.65 -9.66
N VAL A 146 24.92 4.49 -9.57
CA VAL A 146 24.50 4.94 -8.23
C VAL A 146 23.62 3.92 -7.55
N ALA A 147 22.92 3.03 -8.27
CA ALA A 147 21.99 2.10 -7.67
C ALA A 147 22.62 0.97 -6.91
N HIS A 148 22.10 0.68 -5.72
CA HIS A 148 22.48 -0.52 -5.01
C HIS A 148 21.57 -1.63 -5.56
N TYR A 149 20.32 -1.27 -5.85
CA TYR A 149 19.31 -2.23 -6.30
C TYR A 149 18.59 -1.78 -7.56
N VAL A 150 18.38 -2.67 -8.54
CA VAL A 150 17.67 -2.23 -9.76
C VAL A 150 16.41 -3.06 -9.90
N VAL A 151 15.25 -2.47 -10.11
CA VAL A 151 13.99 -3.16 -10.18
C VAL A 151 13.26 -2.81 -11.48
N ASP A 152 12.47 -3.76 -11.97
CA ASP A 152 11.70 -3.53 -13.22
C ASP A 152 10.57 -2.56 -12.97
N ALA A 153 10.64 -1.33 -13.43
CA ALA A 153 9.60 -0.34 -13.15
C ALA A 153 8.33 -0.45 -14.01
N THR A 154 8.15 -1.48 -14.83
CA THR A 154 6.97 -1.61 -15.65
C THR A 154 5.93 -2.44 -14.91
N GLN A 155 6.28 -2.96 -13.74
CA GLN A 155 5.26 -3.58 -12.89
C GLN A 155 4.45 -2.48 -12.23
N PRO A 156 3.24 -2.82 -11.77
CA PRO A 156 2.42 -1.89 -10.97
C PRO A 156 3.18 -1.50 -9.72
N PRO A 157 2.92 -0.33 -9.15
CA PRO A 157 3.65 0.12 -7.97
C PRO A 157 3.65 -0.85 -6.83
N ALA A 158 2.50 -1.48 -6.59
CA ALA A 158 2.34 -2.39 -5.47
C ALA A 158 3.24 -3.61 -5.61
N ALA A 159 3.37 -4.11 -6.83
CA ALA A 159 4.27 -5.23 -7.06
C ALA A 159 5.74 -4.78 -6.86
N ILE A 160 6.11 -3.58 -7.24
CA ILE A 160 7.49 -3.09 -7.04
C ILE A 160 7.78 -3.01 -5.53
N VAL A 161 6.81 -2.44 -4.82
CA VAL A 161 6.89 -2.29 -3.38
C VAL A 161 7.16 -3.62 -2.75
N CYS A 162 6.37 -4.65 -3.10
CA CYS A 162 6.57 -5.98 -2.58
C CYS A 162 7.97 -6.54 -2.89
N GLU A 163 8.39 -6.45 -4.13
CA GLU A 163 9.68 -6.97 -4.55
C GLU A 163 10.78 -6.22 -3.79
N LEU A 164 10.70 -4.88 -3.69
CA LEU A 164 11.76 -4.17 -2.94
C LEU A 164 11.89 -4.57 -1.49
N MET A 165 10.79 -4.74 -0.75
CA MET A 165 10.83 -5.15 0.63
C MET A 165 11.51 -6.52 0.72
N GLN A 166 11.26 -7.44 -0.23
CA GLN A 166 11.93 -8.71 -0.18
C GLN A 166 13.43 -8.61 -0.49
N THR A 167 13.75 -7.97 -1.62
CA THR A 167 15.13 -7.88 -2.04
C THR A 167 16.00 -7.11 -1.03
N MET A 168 15.48 -5.95 -0.59
CA MET A 168 16.21 -5.12 0.35
C MET A 168 16.15 -5.58 1.81
N ARG A 169 15.37 -6.61 2.09
CA ARG A 169 15.18 -7.16 3.44
C ARG A 169 14.73 -6.10 4.44
N LEU A 170 13.61 -5.50 4.13
CA LEU A 170 12.97 -4.46 4.91
C LEU A 170 11.59 -4.96 5.38
N PRO A 171 11.36 -4.74 6.66
CA PRO A 171 10.08 -5.08 7.27
C PRO A 171 9.02 -4.06 6.95
N ALA A 172 7.79 -4.52 6.87
CA ALA A 172 6.63 -3.65 6.70
C ALA A 172 6.37 -2.94 8.04
N ALA A 173 5.67 -1.82 8.03
CA ALA A 173 5.43 -1.02 9.22
C ALA A 173 4.50 -1.74 10.22
N MET B 1 -8.68 -9.96 -10.93
CA MET B 1 -10.04 -9.78 -11.51
C MET B 1 -10.89 -8.78 -10.70
N THR B 2 -12.17 -8.85 -11.06
CA THR B 2 -13.23 -7.87 -10.76
C THR B 2 -14.14 -8.09 -9.54
N GLU B 3 -14.16 -9.27 -8.99
CA GLU B 3 -15.15 -9.59 -7.95
C GLU B 3 -14.82 -9.00 -6.56
N PRO B 4 -15.88 -8.83 -5.75
CA PRO B 4 -15.76 -8.31 -4.40
C PRO B 4 -14.99 -9.26 -3.55
N ILE B 5 -13.98 -8.74 -2.91
CA ILE B 5 -13.16 -9.53 -2.00
C ILE B 5 -13.61 -9.25 -0.58
N PHE B 6 -14.01 -10.30 0.10
CA PHE B 6 -14.50 -10.17 1.47
C PHE B 6 -13.41 -10.52 2.48
N MET B 7 -13.15 -9.68 3.45
CA MET B 7 -12.20 -9.99 4.52
C MET B 7 -13.04 -10.45 5.72
N VAL B 8 -12.70 -11.64 6.21
CA VAL B 8 -13.40 -12.19 7.35
C VAL B 8 -12.39 -12.49 8.43
N GLY B 9 -12.91 -12.53 9.66
CA GLY B 9 -12.05 -12.96 10.77
C GLY B 9 -12.59 -12.31 12.06
N ALA B 10 -12.03 -12.73 13.15
CA ALA B 10 -12.44 -12.23 14.47
C ALA B 10 -11.90 -10.83 14.75
N ARG B 11 -12.57 -10.21 15.74
CA ARG B 11 -12.21 -8.88 16.21
C ARG B 11 -10.71 -8.84 16.52
N GLY B 12 -10.05 -7.83 15.99
CA GLY B 12 -8.61 -7.74 16.25
C GLY B 12 -7.75 -8.31 15.15
N CYS B 13 -8.31 -9.02 14.15
CA CYS B 13 -7.49 -9.56 13.08
C CYS B 13 -7.06 -8.49 12.09
N GLY B 14 -7.55 -7.29 12.12
CA GLY B 14 -7.15 -6.16 11.29
C GLY B 14 -7.84 -6.07 9.94
N LYS B 15 -9.07 -6.57 9.85
CA LYS B 15 -9.85 -6.50 8.62
C LYS B 15 -9.86 -5.12 7.97
N THR B 16 -10.12 -4.08 8.78
CA THR B 16 -10.23 -2.74 8.23
C THR B 16 -8.87 -2.25 7.76
N THR B 17 -7.83 -2.36 8.55
CA THR B 17 -6.51 -1.86 8.13
C THR B 17 -5.96 -2.59 6.91
N VAL B 18 -5.91 -3.91 7.01
CA VAL B 18 -5.48 -4.76 5.91
C VAL B 18 -6.39 -4.57 4.70
N GLY B 19 -7.71 -4.58 4.93
CA GLY B 19 -8.62 -4.30 3.85
C GLY B 19 -8.33 -3.00 3.12
N ARG B 20 -8.11 -1.90 3.86
CA ARG B 20 -7.87 -0.62 3.19
C ARG B 20 -6.52 -0.67 2.41
N GLU B 21 -5.50 -1.28 2.92
CA GLU B 21 -4.19 -1.39 2.26
C GLU B 21 -4.27 -2.24 1.02
N LEU B 22 -5.05 -3.34 1.12
CA LEU B 22 -5.24 -4.19 -0.05
C LEU B 22 -6.00 -3.41 -1.10
N ALA B 23 -7.06 -2.72 -0.72
CA ALA B 23 -7.80 -1.96 -1.70
C ALA B 23 -6.87 -0.92 -2.39
N ARG B 24 -6.10 -0.27 -1.53
CA ARG B 24 -5.21 0.77 -2.05
C ARG B 24 -4.21 0.16 -3.03
N ALA B 25 -3.59 -0.97 -2.68
CA ALA B 25 -2.70 -1.65 -3.61
C ALA B 25 -3.36 -2.01 -4.91
N LEU B 26 -4.64 -2.33 -4.92
CA LEU B 26 -5.29 -2.75 -6.17
C LEU B 26 -5.99 -1.62 -6.90
N GLY B 27 -6.10 -0.45 -6.26
CA GLY B 27 -6.87 0.62 -6.92
C GLY B 27 -8.36 0.39 -6.76
N TYR B 28 -8.77 -0.34 -5.72
CA TYR B 28 -10.16 -0.65 -5.51
C TYR B 28 -10.76 0.20 -4.41
N GLU B 29 -12.09 0.20 -4.31
CA GLU B 29 -12.76 0.86 -3.22
C GLU B 29 -12.74 -0.07 -2.00
N PHE B 30 -12.71 0.49 -0.83
CA PHE B 30 -12.83 -0.17 0.43
C PHE B 30 -14.17 0.17 1.07
N VAL B 31 -14.81 -0.83 1.66
CA VAL B 31 -16.04 -0.62 2.40
C VAL B 31 -15.98 -1.52 3.63
N ASP B 32 -16.52 -1.02 4.72
CA ASP B 32 -16.59 -1.70 6.01
C ASP B 32 -18.08 -1.77 6.33
N THR B 33 -18.63 -2.99 6.43
CA THR B 33 -20.06 -3.17 6.63
C THR B 33 -20.51 -2.51 7.96
N ASP B 34 -19.69 -2.48 8.98
CA ASP B 34 -20.08 -1.80 10.25
C ASP B 34 -20.28 -0.31 10.00
N ILE B 35 -19.32 0.35 9.35
CA ILE B 35 -19.45 1.75 8.99
C ILE B 35 -20.64 1.99 8.09
N PHE B 36 -20.79 1.18 7.04
CA PHE B 36 -21.93 1.34 6.16
C PHE B 36 -23.27 1.35 6.92
N MET B 37 -23.45 0.38 7.81
CA MET B 37 -24.66 0.26 8.61
C MET B 37 -24.98 1.55 9.37
N GLN B 38 -23.97 2.07 10.05
CA GLN B 38 -24.07 3.33 10.77
C GLN B 38 -24.68 4.42 9.87
N HIS B 39 -23.91 4.88 8.89
CA HIS B 39 -24.30 5.91 7.97
C HIS B 39 -25.68 5.75 7.35
N THR B 40 -26.00 4.64 6.71
CA THR B 40 -27.28 4.50 6.05
C THR B 40 -28.49 4.50 6.97
N SER B 41 -28.35 4.06 8.21
CA SER B 41 -29.48 4.01 9.13
C SER B 41 -29.46 5.18 10.11
N GLY B 42 -28.26 5.61 10.49
CA GLY B 42 -28.08 6.69 11.44
C GLY B 42 -28.11 6.21 12.88
N MET B 43 -28.11 4.89 13.06
CA MET B 43 -28.12 4.26 14.37
C MET B 43 -26.78 3.57 14.62
N THR B 44 -26.31 3.68 15.85
CA THR B 44 -25.09 3.01 16.28
C THR B 44 -25.53 1.57 16.58
N VAL B 45 -24.60 0.70 16.94
CA VAL B 45 -25.01 -0.66 17.32
C VAL B 45 -26.02 -0.55 18.46
N ALA B 46 -25.63 0.14 19.53
CA ALA B 46 -26.43 0.45 20.70
C ALA B 46 -27.91 0.76 20.41
N ASP B 47 -28.14 1.70 19.50
CA ASP B 47 -29.50 2.06 19.11
C ASP B 47 -30.26 0.86 18.53
N VAL B 48 -29.64 0.12 17.62
CA VAL B 48 -30.21 -1.03 16.96
C VAL B 48 -30.56 -2.14 17.98
N VAL B 49 -29.54 -2.45 18.77
CA VAL B 49 -29.65 -3.45 19.81
C VAL B 49 -30.77 -3.08 20.77
N ALA B 50 -30.81 -1.81 21.22
CA ALA B 50 -31.85 -1.35 22.12
C ALA B 50 -33.22 -1.76 21.59
N ALA B 51 -33.47 -1.35 20.35
CA ALA B 51 -34.71 -1.61 19.67
C ALA B 51 -35.06 -3.02 19.25
N GLU B 52 -34.06 -3.76 18.72
CA GLU B 52 -34.34 -5.04 18.09
C GLU B 52 -33.36 -6.11 18.57
N GLY B 53 -32.50 -5.77 19.49
CA GLY B 53 -31.51 -6.70 20.01
C GLY B 53 -30.50 -7.06 18.89
N TRP B 54 -29.68 -8.04 19.22
CA TRP B 54 -28.68 -8.58 18.31
C TRP B 54 -29.20 -9.23 17.07
N PRO B 55 -30.30 -9.97 17.11
CA PRO B 55 -30.92 -10.54 15.93
C PRO B 55 -31.25 -9.46 14.91
N GLY B 56 -31.68 -8.28 15.35
CA GLY B 56 -32.01 -7.18 14.46
C GLY B 56 -30.73 -6.62 13.84
N PHE B 57 -29.70 -6.49 14.64
CA PHE B 57 -28.41 -6.07 14.13
C PHE B 57 -27.90 -7.10 13.10
N ARG B 58 -28.05 -8.40 13.37
CA ARG B 58 -27.60 -9.39 12.39
C ARG B 58 -28.39 -9.31 11.10
N ARG B 59 -29.70 -9.02 11.16
CA ARG B 59 -30.50 -8.85 9.95
C ARG B 59 -30.03 -7.66 9.13
N ARG B 60 -29.73 -6.56 9.83
CA ARG B 60 -29.27 -5.33 9.18
C ARG B 60 -27.89 -5.54 8.53
N GLU B 61 -27.01 -6.24 9.23
CA GLU B 61 -25.68 -6.61 8.80
C GLU B 61 -25.80 -7.51 7.56
N SER B 62 -26.72 -8.47 7.51
CA SER B 62 -26.88 -9.26 6.31
C SER B 62 -27.29 -8.40 5.12
N GLU B 63 -28.16 -7.41 5.40
CA GLU B 63 -28.59 -6.51 4.35
C GLU B 63 -27.44 -5.65 3.83
N ALA B 64 -26.63 -5.14 4.75
CA ALA B 64 -25.50 -4.28 4.40
C ALA B 64 -24.45 -5.03 3.56
N LEU B 65 -24.22 -6.29 3.91
CA LEU B 65 -23.30 -7.18 3.15
C LEU B 65 -23.69 -7.18 1.67
N GLN B 66 -24.95 -7.48 1.43
CA GLN B 66 -25.55 -7.56 0.11
C GLN B 66 -25.51 -6.20 -0.55
N ALA B 67 -25.75 -5.11 0.15
CA ALA B 67 -25.73 -3.81 -0.50
C ALA B 67 -24.35 -3.36 -0.96
N VAL B 68 -23.32 -3.61 -0.14
CA VAL B 68 -21.98 -3.16 -0.51
C VAL B 68 -21.19 -4.10 -1.40
N ALA B 69 -21.65 -5.30 -1.68
CA ALA B 69 -20.96 -6.32 -2.44
C ALA B 69 -20.91 -6.09 -3.92
N THR B 70 -20.06 -5.23 -4.44
CA THR B 70 -20.00 -4.94 -5.87
C THR B 70 -18.54 -5.02 -6.30
N PRO B 71 -18.28 -5.07 -7.58
CA PRO B 71 -16.97 -5.28 -8.15
C PRO B 71 -15.96 -4.22 -7.77
N ASN B 72 -14.70 -4.62 -7.83
CA ASN B 72 -13.54 -3.82 -7.55
C ASN B 72 -13.64 -3.13 -6.22
N ARG B 73 -13.86 -3.95 -5.22
CA ARG B 73 -14.00 -3.45 -3.85
C ARG B 73 -13.50 -4.51 -2.91
N VAL B 74 -12.91 -4.08 -1.86
CA VAL B 74 -12.55 -4.88 -0.72
C VAL B 74 -13.59 -4.54 0.36
N VAL B 75 -14.19 -5.57 0.92
CA VAL B 75 -15.23 -5.46 1.93
C VAL B 75 -14.76 -6.04 3.22
N ALA B 76 -14.64 -5.22 4.28
CA ALA B 76 -14.27 -5.70 5.57
C ALA B 76 -15.61 -6.02 6.27
N THR B 77 -15.70 -7.17 6.87
CA THR B 77 -16.95 -7.58 7.52
C THR B 77 -16.73 -7.67 9.05
N GLY B 78 -17.82 -7.46 9.79
CA GLY B 78 -17.80 -7.57 11.28
C GLY B 78 -17.52 -9.04 11.63
N GLY B 79 -16.88 -9.26 12.76
CA GLY B 79 -16.46 -10.61 13.20
C GLY B 79 -17.57 -11.69 12.99
N GLY B 80 -18.69 -11.40 13.62
CA GLY B 80 -19.86 -12.29 13.70
C GLY B 80 -20.62 -12.45 12.37
N MET B 81 -20.15 -11.82 11.32
CA MET B 81 -20.81 -11.93 10.00
C MET B 81 -20.84 -13.39 9.56
N VAL B 82 -19.85 -14.20 9.91
CA VAL B 82 -19.81 -15.58 9.47
C VAL B 82 -20.78 -16.45 10.27
N LEU B 83 -21.39 -15.93 11.37
CA LEU B 83 -22.31 -16.83 12.08
C LEU B 83 -23.47 -17.31 11.25
N LEU B 84 -24.05 -16.43 10.41
CA LEU B 84 -25.22 -16.85 9.65
C LEU B 84 -24.80 -17.62 8.40
N GLU B 85 -25.46 -18.73 8.15
CA GLU B 85 -25.20 -19.53 6.98
C GLU B 85 -25.45 -18.76 5.71
N GLN B 86 -26.50 -17.92 5.74
CA GLN B 86 -26.84 -17.13 4.54
C GLN B 86 -25.73 -16.16 4.20
N ASN B 87 -25.03 -15.61 5.21
CA ASN B 87 -23.94 -14.69 4.94
C ASN B 87 -22.74 -15.44 4.31
N ARG B 88 -22.45 -16.62 4.83
CA ARG B 88 -21.33 -17.45 4.33
C ARG B 88 -21.64 -17.83 2.89
N GLN B 89 -22.87 -18.24 2.64
CA GLN B 89 -23.34 -18.57 1.29
C GLN B 89 -23.22 -17.36 0.38
N PHE B 90 -23.74 -16.20 0.86
CA PHE B 90 -23.71 -15.03 -0.03
C PHE B 90 -22.31 -14.67 -0.49
N MET B 91 -21.37 -14.66 0.47
CA MET B 91 -19.98 -14.28 0.19
C MET B 91 -19.37 -15.19 -0.86
N ARG B 92 -19.45 -16.52 -0.68
CA ARG B 92 -18.82 -17.40 -1.70
C ARG B 92 -19.59 -17.32 -3.02
N ALA B 93 -20.90 -17.06 -2.92
CA ALA B 93 -21.75 -16.94 -4.08
C ALA B 93 -21.70 -15.59 -4.76
N HIS B 94 -21.00 -14.58 -4.23
CA HIS B 94 -20.91 -13.29 -4.88
C HIS B 94 -19.45 -12.86 -5.05
N GLY B 95 -18.52 -13.44 -4.30
CA GLY B 95 -17.14 -12.99 -4.45
C GLY B 95 -16.11 -14.01 -3.94
N THR B 96 -14.98 -13.50 -3.47
CA THR B 96 -13.83 -14.27 -3.02
C THR B 96 -13.52 -13.85 -1.58
N VAL B 97 -13.36 -14.90 -0.77
CA VAL B 97 -13.22 -14.73 0.65
C VAL B 97 -11.84 -15.03 1.20
N VAL B 98 -11.33 -14.06 1.97
CA VAL B 98 -10.08 -14.12 2.65
C VAL B 98 -10.24 -14.14 4.16
N TYR B 99 -9.72 -15.12 4.87
CA TYR B 99 -9.73 -15.22 6.29
C TYR B 99 -8.36 -14.74 6.84
N LEU B 100 -8.41 -13.68 7.60
CA LEU B 100 -7.29 -13.11 8.32
C LEU B 100 -7.18 -13.84 9.67
N PHE B 101 -6.34 -14.85 9.63
CA PHE B 101 -6.12 -15.70 10.78
C PHE B 101 -5.08 -15.16 11.75
N ALA B 102 -5.41 -15.24 13.03
CA ALA B 102 -4.49 -14.92 14.11
C ALA B 102 -4.98 -15.72 15.33
N PRO B 103 -4.02 -16.17 16.13
CA PRO B 103 -4.32 -16.87 17.37
C PRO B 103 -5.02 -15.92 18.33
N ALA B 104 -5.81 -16.52 19.22
CA ALA B 104 -6.57 -15.77 20.23
C ALA B 104 -5.72 -14.85 21.07
N GLU B 105 -4.57 -15.37 21.51
CA GLU B 105 -3.61 -14.60 22.28
C GLU B 105 -3.24 -13.30 21.58
N GLU B 106 -2.93 -13.43 20.28
CA GLU B 106 -2.57 -12.25 19.50
C GLU B 106 -3.77 -11.34 19.31
N LEU B 107 -4.95 -11.93 19.10
CA LEU B 107 -6.15 -11.09 18.97
C LEU B 107 -6.37 -10.36 20.30
N ALA B 108 -6.26 -11.13 21.39
CA ALA B 108 -6.38 -10.55 22.73
C ALA B 108 -5.34 -9.45 22.92
N LEU B 109 -4.05 -9.68 22.60
CA LEU B 109 -3.08 -8.59 22.73
C LEU B 109 -3.58 -7.30 22.10
N ARG B 110 -4.11 -7.33 20.88
CA ARG B 110 -4.66 -6.10 20.30
C ARG B 110 -5.96 -5.74 21.01
N LEU B 111 -5.85 -4.85 21.99
CA LEU B 111 -6.96 -4.34 22.79
C LEU B 111 -6.95 -2.81 22.70
N GLN B 112 -5.75 -2.27 22.46
CA GLN B 112 -5.52 -0.84 22.28
C GLN B 112 -6.24 -0.30 21.04
N ARG B 126 -14.50 -13.66 30.88
CA ARG B 126 -14.41 -12.27 31.33
C ARG B 126 -13.14 -11.60 30.81
N PRO B 127 -11.99 -12.19 31.06
CA PRO B 127 -10.74 -11.66 30.52
C PRO B 127 -10.78 -11.75 29.01
N ILE B 128 -10.22 -10.78 28.31
CA ILE B 128 -10.26 -10.70 26.86
C ILE B 128 -9.60 -11.86 26.12
N ALA B 129 -8.54 -12.43 26.69
CA ALA B 129 -7.86 -13.56 26.08
C ALA B 129 -8.72 -14.82 26.08
N GLU B 130 -9.46 -15.06 27.16
CA GLU B 130 -10.32 -16.23 27.30
C GLU B 130 -11.57 -16.12 26.42
N GLU B 131 -12.04 -14.89 26.24
CA GLU B 131 -13.20 -14.62 25.41
C GLU B 131 -12.82 -14.93 23.95
N MET B 132 -11.69 -14.36 23.53
CA MET B 132 -11.21 -14.57 22.17
C MET B 132 -10.91 -16.03 21.94
N GLU B 133 -10.37 -16.75 22.90
CA GLU B 133 -10.06 -18.16 22.74
C GLU B 133 -11.33 -18.96 22.49
N ALA B 134 -12.38 -18.62 23.23
CA ALA B 134 -13.66 -19.30 23.15
C ALA B 134 -14.29 -19.02 21.78
N VAL B 135 -14.30 -17.75 21.38
CA VAL B 135 -14.80 -17.31 20.09
C VAL B 135 -14.10 -18.07 18.96
N LEU B 136 -12.77 -18.08 18.93
CA LEU B 136 -12.04 -18.81 17.88
C LEU B 136 -12.25 -20.31 17.91
N ARG B 137 -12.28 -20.86 19.13
CA ARG B 137 -12.52 -22.28 19.28
C ARG B 137 -13.77 -22.69 18.54
N GLU B 138 -14.84 -21.93 18.63
CA GLU B 138 -16.10 -22.28 17.98
C GLU B 138 -16.28 -21.78 16.56
N ARG B 139 -15.69 -20.64 16.21
CA ARG B 139 -15.91 -20.06 14.90
C ARG B 139 -14.83 -20.35 13.85
N GLU B 140 -13.71 -20.93 14.27
CA GLU B 140 -12.60 -21.20 13.37
C GLU B 140 -13.07 -21.97 12.16
N ALA B 141 -13.83 -23.05 12.39
CA ALA B 141 -14.41 -23.90 11.38
C ALA B 141 -15.30 -23.12 10.40
N LEU B 142 -15.96 -22.09 10.87
CA LEU B 142 -16.77 -21.22 10.04
C LEU B 142 -15.90 -20.31 9.13
N TYR B 143 -14.89 -19.74 9.73
CA TYR B 143 -13.94 -18.92 8.94
C TYR B 143 -13.34 -19.76 7.82
N GLN B 144 -12.88 -20.97 8.19
CA GLN B 144 -12.29 -21.86 7.19
C GLN B 144 -13.30 -22.28 6.14
N ASP B 145 -14.56 -22.57 6.58
CA ASP B 145 -15.53 -22.98 5.58
C ASP B 145 -15.78 -21.92 4.52
N VAL B 146 -15.86 -20.68 4.96
CA VAL B 146 -16.19 -19.61 4.03
C VAL B 146 -14.98 -19.14 3.20
N ALA B 147 -13.79 -19.23 3.80
CA ALA B 147 -12.61 -18.70 3.13
C ALA B 147 -12.21 -19.48 1.89
N HIS B 148 -11.85 -18.71 0.87
CA HIS B 148 -11.15 -19.32 -0.26
C HIS B 148 -9.64 -19.31 0.06
N TYR B 149 -9.19 -18.25 0.73
CA TYR B 149 -7.79 -18.09 1.09
C TYR B 149 -7.66 -17.80 2.57
N VAL B 150 -6.60 -18.26 3.19
CA VAL B 150 -6.31 -17.99 4.59
C VAL B 150 -4.90 -17.39 4.64
N VAL B 151 -4.72 -16.37 5.41
CA VAL B 151 -3.45 -15.71 5.58
C VAL B 151 -3.23 -15.37 7.05
N ASP B 152 -1.93 -15.42 7.35
CA ASP B 152 -1.42 -15.12 8.68
C ASP B 152 -1.47 -13.62 8.88
N ALA B 153 -2.40 -13.26 9.76
CA ALA B 153 -2.74 -11.89 10.03
C ALA B 153 -1.91 -11.24 11.15
N THR B 154 -0.94 -11.97 11.65
CA THR B 154 -0.01 -11.38 12.66
C THR B 154 1.14 -10.66 11.97
N GLN B 155 1.26 -10.75 10.66
CA GLN B 155 2.22 -10.02 9.87
C GLN B 155 1.73 -8.59 9.80
N PRO B 156 2.61 -7.64 9.48
CA PRO B 156 2.23 -6.26 9.25
C PRO B 156 1.32 -6.15 8.03
N PRO B 157 0.44 -5.18 7.97
CA PRO B 157 -0.51 -5.02 6.90
C PRO B 157 0.09 -5.17 5.49
N ALA B 158 1.18 -4.46 5.27
CA ALA B 158 1.82 -4.47 3.95
C ALA B 158 2.36 -5.85 3.61
N ALA B 159 2.82 -6.66 4.57
CA ALA B 159 3.29 -7.99 4.25
C ALA B 159 2.08 -8.89 3.87
N ILE B 160 0.96 -8.64 4.57
CA ILE B 160 -0.26 -9.43 4.29
C ILE B 160 -0.70 -9.16 2.86
N VAL B 161 -0.71 -7.86 2.49
CA VAL B 161 -1.08 -7.47 1.16
C VAL B 161 -0.17 -8.10 0.11
N CYS B 162 1.17 -8.10 0.33
CA CYS B 162 2.09 -8.75 -0.59
C CYS B 162 1.84 -10.24 -0.72
N GLU B 163 1.63 -10.93 0.38
CA GLU B 163 1.28 -12.34 0.31
C GLU B 163 -0.05 -12.59 -0.41
N LEU B 164 -1.07 -11.82 -0.07
CA LEU B 164 -2.37 -12.04 -0.73
C LEU B 164 -2.31 -11.84 -2.23
N MET B 165 -1.61 -10.76 -2.66
CA MET B 165 -1.46 -10.49 -4.08
C MET B 165 -0.81 -11.66 -4.80
N GLN B 166 0.17 -12.27 -4.16
CA GLN B 166 0.81 -13.44 -4.75
C GLN B 166 -0.10 -14.66 -4.84
N THR B 167 -0.64 -15.06 -3.71
CA THR B 167 -1.44 -16.29 -3.69
C THR B 167 -2.78 -16.16 -4.42
N MET B 168 -3.39 -14.99 -4.37
CA MET B 168 -4.59 -14.65 -5.06
C MET B 168 -4.38 -14.29 -6.51
N ARG B 169 -3.13 -14.06 -6.92
CA ARG B 169 -2.77 -13.68 -8.26
C ARG B 169 -3.43 -12.40 -8.66
N LEU B 170 -3.02 -11.40 -7.84
CA LEU B 170 -3.48 -10.05 -8.19
C LEU B 170 -2.37 -9.06 -8.47
N PRO B 171 -2.65 -8.05 -9.33
CA PRO B 171 -3.92 -7.68 -9.93
C PRO B 171 -4.24 -8.48 -11.15
N ALA B 172 -3.21 -9.11 -11.66
CA ALA B 172 -3.38 -10.02 -12.78
C ALA B 172 -4.56 -9.77 -13.72
#